data_7RNN
#
_entry.id   7RNN
#
_cell.length_a   1.00
_cell.length_b   1.00
_cell.length_c   1.00
_cell.angle_alpha   90.00
_cell.angle_beta   90.00
_cell.angle_gamma   90.00
#
_symmetry.space_group_name_H-M   'P 1'
#
loop_
_entity.id
_entity.type
_entity.pdbx_description
1 polymer 'Nanobodies Nb.C1'
2 polymer 'Acid-sensing ion channel 1'
3 non-polymer 2-acetamido-2-deoxy-beta-D-glucopyranose
#
loop_
_entity_poly.entity_id
_entity_poly.type
_entity_poly.pdbx_seq_one_letter_code
_entity_poly.pdbx_strand_id
1 'polypeptide(L)'
;QVQLVESGGGLVQPRGSLRLSCAASGFTFSRAAMSWYRQAPGKEREMVSTIGSFGVSTNYSDSVKGRFTISRDNAKNTVY
LHMNSLKPEDTAVYYCNARYRSSYPWGQGTQVTVSS
;
C
2 'polypeptide(L)'
;MELKAEEEEVGGVQPVSIQAFASSSTLHGLAHIFSYERLSLKRALWALCFLGSLAVLLCVCTERVQYYFHYHHVTKLDEV
AASQLTFPAVTFCNLNEFRFSQVSKNDLYHAGELLALLNNRYEIPDTQMADEKQLEILQDKANFRSFKPKPFNMREFYDR
AGHDIRDMLLSCHFRGEVCSAEDFKVVFTRYGKCYTFNSGRDGRPRLKTMKGGTGNGLEIMLDIQQDEYLPVWGETDETS
FEAGIKVQIHSQDEPPFIDQLGFGVAPGFQTFVACQEQRLIYLPPPWGTCKAVTMDSDLDFFDSYSITACRIDCETRYLV
ENCNCRMVHMPGDAPYCTPEQYKECADPALDFLVEKDQEYCVCEMPCNLTRYGKELSMVKIPSKASAKYLAKKYNKSEQY
IGENILVLDIFFEVLNYETIEQKKAYEIAGLLGDIGGQMGLFIGASILTVLELFDYAYEVIKHKLCRRGKCQKEAKRSSA
DKGVALSLDDVKRHNPCEGLRGHPAGMTYAANILPHHPARGTFEDFTC
;
D
#
loop_
_chem_comp.id
_chem_comp.type
_chem_comp.name
_chem_comp.formula
NAG D-saccharide, beta linking 2-acetamido-2-deoxy-beta-D-glucopyranose 'C8 H15 N O6'
#
# COMPACT_ATOMS: atom_id res chain seq x y z
N GLN A 1 5.46 -23.08 5.00
CA GLN A 1 4.25 -22.55 5.62
C GLN A 1 4.56 -21.89 6.95
N VAL A 2 3.53 -21.34 7.60
CA VAL A 2 3.70 -20.54 8.81
C VAL A 2 3.95 -21.50 9.96
N GLN A 3 5.20 -21.65 10.37
CA GLN A 3 5.52 -22.51 11.50
C GLN A 3 5.39 -21.77 12.83
N LEU A 4 6.16 -20.70 13.02
CA LEU A 4 6.12 -19.89 14.23
C LEU A 4 6.36 -20.74 15.48
N VAL A 5 7.34 -21.65 15.40
CA VAL A 5 7.62 -22.52 16.54
C VAL A 5 8.27 -21.74 17.67
N GLU A 6 7.93 -22.12 18.90
CA GLU A 6 8.44 -21.49 20.11
C GLU A 6 9.27 -22.51 20.90
N SER A 7 10.46 -22.11 21.34
CA SER A 7 11.33 -23.03 22.04
C SER A 7 12.13 -22.30 23.10
N GLY A 8 12.81 -23.06 23.94
CA GLY A 8 13.68 -22.53 24.97
C GLY A 8 13.04 -22.29 26.32
N GLY A 9 11.79 -22.72 26.52
CA GLY A 9 11.06 -22.48 27.75
C GLY A 9 10.89 -23.77 28.55
N GLY A 10 11.22 -23.69 29.84
CA GLY A 10 11.11 -24.83 30.73
C GLY A 10 10.67 -24.40 32.11
N LEU A 11 10.30 -25.40 32.91
CA LEU A 11 9.94 -25.16 34.30
C LEU A 11 11.11 -24.53 35.06
N VAL A 12 10.82 -23.51 35.86
CA VAL A 12 11.84 -22.74 36.55
C VAL A 12 11.43 -22.54 38.00
N GLN A 13 12.43 -22.26 38.83
CA GLN A 13 12.20 -21.97 40.24
C GLN A 13 11.53 -20.60 40.38
N PRO A 14 10.73 -20.41 41.43
CA PRO A 14 10.18 -19.07 41.69
C PRO A 14 11.30 -18.06 41.93
N ARG A 15 11.07 -16.85 41.43
CA ARG A 15 12.06 -15.78 41.43
C ARG A 15 13.29 -16.19 40.61
N GLY A 16 13.03 -16.55 39.37
CA GLY A 16 14.06 -17.03 38.47
C GLY A 16 13.95 -16.38 37.11
N SER A 17 15.04 -16.48 36.35
CA SER A 17 15.13 -15.89 35.03
C SER A 17 15.15 -16.98 33.97
N LEU A 18 14.28 -16.85 32.97
CA LEU A 18 14.20 -17.76 31.84
C LEU A 18 14.11 -16.96 30.55
N ARG A 19 14.61 -17.54 29.47
CA ARG A 19 14.58 -16.90 28.16
C ARG A 19 13.75 -17.74 27.20
N LEU A 20 12.82 -17.11 26.51
CA LEU A 20 11.92 -17.79 25.59
C LEU A 20 12.19 -17.29 24.17
N SER A 21 12.31 -18.23 23.23
CA SER A 21 12.63 -17.92 21.85
C SER A 21 11.57 -18.51 20.93
N CYS A 22 11.24 -17.79 19.88
CA CYS A 22 10.30 -18.27 18.88
C CYS A 22 10.93 -18.12 17.51
N ALA A 23 10.57 -19.02 16.60
CA ALA A 23 11.15 -19.04 15.26
C ALA A 23 10.00 -18.95 14.27
N ALA A 24 9.72 -17.73 13.82
CA ALA A 24 8.61 -17.48 12.91
C ALA A 24 9.05 -17.69 11.47
N SER A 25 8.42 -18.63 10.80
CA SER A 25 8.65 -18.91 9.39
C SER A 25 7.33 -18.73 8.64
N GLY A 26 7.41 -18.64 7.32
CA GLY A 26 6.23 -18.54 6.51
C GLY A 26 5.83 -17.13 6.11
N PHE A 27 6.47 -16.12 6.69
CA PHE A 27 6.11 -14.74 6.41
C PHE A 27 7.31 -13.86 6.74
N THR A 28 7.32 -12.66 6.17
CA THR A 28 8.39 -11.71 6.44
C THR A 28 8.08 -11.04 7.77
N PHE A 29 8.70 -11.53 8.85
CA PHE A 29 8.37 -10.98 10.15
C PHE A 29 8.91 -9.57 10.29
N SER A 30 9.87 -9.19 9.43
CA SER A 30 10.46 -7.86 9.41
C SER A 30 9.40 -6.77 9.51
N ARG A 31 8.22 -7.05 8.96
CA ARG A 31 7.09 -6.13 8.99
C ARG A 31 5.91 -6.74 9.74
N ALA A 32 6.18 -7.33 10.90
CA ALA A 32 5.13 -7.96 11.70
C ALA A 32 5.37 -7.69 13.17
N ALA A 33 4.41 -7.05 13.82
CA ALA A 33 4.47 -6.90 15.27
C ALA A 33 4.33 -8.26 15.92
N MET A 34 5.17 -8.55 16.91
CA MET A 34 5.21 -9.85 17.56
C MET A 34 4.80 -9.72 19.01
N SER A 35 3.91 -10.60 19.46
CA SER A 35 3.36 -10.56 20.80
C SER A 35 3.46 -11.91 21.47
N TRP A 36 3.59 -11.90 22.79
CA TRP A 36 3.61 -13.10 23.61
C TRP A 36 2.30 -13.20 24.38
N TYR A 37 1.81 -14.43 24.56
CA TYR A 37 0.54 -14.66 25.22
C TYR A 37 0.67 -15.71 26.32
N ARG A 38 -0.21 -15.63 27.31
CA ARG A 38 -0.32 -16.61 28.37
C ARG A 38 -1.66 -17.33 28.27
N GLN A 39 -1.62 -18.62 28.02
CA GLN A 39 -2.83 -19.44 28.04
C GLN A 39 -2.99 -19.99 29.45
N ALA A 40 -3.79 -19.32 30.26
CA ALA A 40 -3.98 -19.74 31.63
C ALA A 40 -4.75 -21.06 31.62
N PRO A 41 -4.34 -22.05 32.42
CA PRO A 41 -5.03 -23.35 32.37
C PRO A 41 -6.52 -23.20 32.60
N GLY A 42 -7.30 -23.50 31.56
CA GLY A 42 -8.74 -23.33 31.60
C GLY A 42 -9.24 -21.98 31.14
N LYS A 43 -8.35 -21.03 30.86
CA LYS A 43 -8.75 -19.69 30.46
C LYS A 43 -8.25 -19.37 29.06
N GLU A 44 -8.77 -18.27 28.51
CA GLU A 44 -8.41 -17.83 27.19
C GLU A 44 -7.02 -17.19 27.19
N ARG A 45 -6.44 -17.10 25.99
CA ARG A 45 -5.13 -16.49 25.83
C ARG A 45 -5.17 -15.02 26.27
N GLU A 46 -4.16 -14.62 27.03
CA GLU A 46 -4.01 -13.25 27.48
C GLU A 46 -2.65 -12.72 27.03
N MET A 47 -2.65 -11.56 26.38
CA MET A 47 -1.41 -11.00 25.88
C MET A 47 -0.46 -10.68 27.03
N VAL A 48 0.81 -11.04 26.85
CA VAL A 48 1.84 -10.74 27.84
C VAL A 48 2.66 -9.52 27.43
N SER A 49 3.19 -9.52 26.21
CA SER A 49 4.02 -8.41 25.75
C SER A 49 3.88 -8.31 24.24
N THR A 50 4.11 -7.11 23.72
CA THR A 50 4.12 -6.86 22.29
C THR A 50 5.30 -5.97 21.96
N ILE A 51 5.94 -6.23 20.82
CA ILE A 51 7.03 -5.40 20.33
C ILE A 51 6.76 -5.00 18.89
N GLY A 52 7.17 -3.78 18.54
CA GLY A 52 6.98 -3.29 17.19
C GLY A 52 7.87 -3.99 16.19
N SER A 53 7.42 -3.98 14.93
CA SER A 53 8.19 -4.60 13.86
C SER A 53 9.59 -4.05 13.75
N PHE A 54 9.82 -2.82 14.21
CA PHE A 54 11.15 -2.22 14.17
C PHE A 54 11.93 -2.47 15.45
N GLY A 55 11.28 -2.90 16.53
CA GLY A 55 11.92 -3.15 17.79
C GLY A 55 12.04 -1.95 18.70
N VAL A 56 11.80 -0.75 18.18
CA VAL A 56 11.94 0.46 18.99
C VAL A 56 10.91 0.50 20.11
N SER A 57 9.68 0.10 19.83
CA SER A 57 8.58 0.24 20.79
C SER A 57 8.25 -1.10 21.42
N THR A 58 8.19 -1.12 22.75
CA THR A 58 7.82 -2.30 23.52
C THR A 58 6.60 -2.01 24.37
N ASN A 59 5.62 -2.90 24.33
CA ASN A 59 4.40 -2.79 25.12
C ASN A 59 4.33 -3.98 26.09
N TYR A 60 3.90 -3.71 27.31
CA TYR A 60 3.78 -4.75 28.33
C TYR A 60 2.39 -4.71 28.97
N SER A 61 2.09 -5.73 29.77
CA SER A 61 0.83 -5.78 30.48
C SER A 61 0.99 -5.18 31.88
N ASP A 62 -0.06 -5.30 32.70
CA ASP A 62 -0.03 -4.74 34.05
C ASP A 62 1.02 -5.43 34.91
N SER A 63 0.99 -6.76 34.98
CA SER A 63 1.93 -7.50 35.80
C SER A 63 3.29 -7.65 35.12
N VAL A 64 3.35 -7.46 33.81
CA VAL A 64 4.58 -7.64 33.06
C VAL A 64 5.46 -6.40 33.08
N LYS A 65 4.95 -5.27 33.56
CA LYS A 65 5.70 -4.02 33.55
C LYS A 65 6.91 -4.11 34.47
N GLY A 66 8.09 -3.84 33.91
CA GLY A 66 9.32 -3.82 34.68
C GLY A 66 9.69 -5.14 35.29
N ARG A 67 9.19 -6.25 34.73
CA ARG A 67 9.53 -7.57 35.21
C ARG A 67 9.97 -8.45 34.05
N PHE A 68 9.45 -8.16 32.86
CA PHE A 68 9.80 -8.90 31.65
C PHE A 68 10.48 -7.95 30.66
N THR A 69 11.30 -8.53 29.79
CA THR A 69 11.91 -7.79 28.70
C THR A 69 11.62 -8.52 27.40
N ILE A 70 11.17 -7.78 26.39
CA ILE A 70 10.90 -8.33 25.07
C ILE A 70 11.97 -7.84 24.11
N SER A 71 12.59 -8.77 23.40
CA SER A 71 13.63 -8.46 22.43
C SER A 71 13.27 -9.12 21.10
N ARG A 72 13.47 -8.39 20.02
CA ARG A 72 13.21 -8.87 18.68
C ARG A 72 14.52 -8.92 17.90
N ASP A 73 14.82 -10.07 17.32
CA ASP A 73 16.01 -10.23 16.49
C ASP A 73 15.60 -10.24 15.02
N ASN A 74 16.15 -9.30 14.25
CA ASN A 74 15.83 -9.17 12.84
C ASN A 74 16.72 -10.10 12.03
N ALA A 75 16.18 -10.59 10.91
CA ALA A 75 16.88 -11.47 9.99
C ALA A 75 17.30 -12.78 10.66
N LYS A 76 16.92 -12.98 11.92
CA LYS A 76 17.10 -14.26 12.58
C LYS A 76 15.77 -14.91 12.96
N ASN A 77 14.64 -14.32 12.59
CA ASN A 77 13.31 -14.87 12.88
C ASN A 77 13.18 -15.31 14.33
N THR A 78 13.76 -14.54 15.26
CA THR A 78 13.68 -14.90 16.67
C THR A 78 13.17 -13.74 17.51
N VAL A 79 12.23 -14.04 18.39
CA VAL A 79 11.71 -13.10 19.39
C VAL A 79 12.09 -13.62 20.77
N TYR A 80 12.74 -12.77 21.56
CA TYR A 80 13.27 -13.17 22.85
C TYR A 80 12.48 -12.49 23.98
N LEU A 81 11.98 -13.30 24.89
CA LEU A 81 11.32 -12.82 26.10
C LEU A 81 12.26 -13.07 27.27
N HIS A 82 12.81 -12.00 27.84
CA HIS A 82 13.76 -12.10 28.95
C HIS A 82 12.98 -12.06 30.26
N MET A 83 12.47 -13.21 30.63
CA MET A 83 11.71 -13.35 31.86
C MET A 83 12.61 -13.20 33.08
N ASN A 84 12.09 -12.55 34.11
CA ASN A 84 12.82 -12.39 35.37
C ASN A 84 11.81 -12.33 36.50
N SER A 85 12.28 -12.65 37.71
CA SER A 85 11.48 -12.54 38.93
C SER A 85 10.16 -13.27 38.80
N LEU A 86 10.22 -14.50 38.32
CA LEU A 86 9.00 -15.24 38.04
C LEU A 86 8.27 -15.60 39.33
N LYS A 87 6.98 -15.88 39.19
CA LYS A 87 6.12 -16.24 40.29
C LYS A 87 5.15 -17.30 39.83
N PRO A 88 4.58 -18.08 40.76
CA PRO A 88 3.59 -19.10 40.36
C PRO A 88 2.36 -18.52 39.68
N GLU A 89 2.09 -17.23 39.88
CA GLU A 89 0.93 -16.59 39.26
C GLU A 89 1.04 -16.55 37.74
N ASP A 90 2.23 -16.76 37.19
CA ASP A 90 2.43 -16.79 35.75
C ASP A 90 2.80 -18.19 35.25
N THR A 91 2.23 -19.22 35.86
CA THR A 91 2.44 -20.60 35.40
C THR A 91 1.43 -20.90 34.29
N ALA A 92 1.89 -20.83 33.05
CA ALA A 92 1.02 -21.08 31.90
C ALA A 92 1.87 -21.38 30.68
N VAL A 93 1.26 -22.03 29.69
CA VAL A 93 1.93 -22.23 28.42
C VAL A 93 1.98 -20.91 27.66
N TYR A 94 3.12 -20.62 27.04
CA TYR A 94 3.38 -19.34 26.39
C TYR A 94 3.33 -19.49 24.86
N TYR A 95 2.55 -18.62 24.21
CA TYR A 95 2.37 -18.65 22.77
C TYR A 95 2.90 -17.37 22.16
N CYS A 96 3.68 -17.49 21.08
CA CYS A 96 4.15 -16.34 20.33
C CYS A 96 3.47 -16.29 18.97
N ASN A 97 2.77 -15.20 18.68
CA ASN A 97 2.09 -14.99 17.41
C ASN A 97 2.20 -13.54 17.01
N ALA A 98 2.01 -13.25 15.72
CA ALA A 98 1.95 -11.86 15.29
C ALA A 98 0.75 -11.19 15.95
N ARG A 99 0.94 -9.97 16.46
CA ARG A 99 -0.15 -9.38 17.24
C ARG A 99 -1.27 -8.87 16.35
N TYR A 100 -0.94 -8.08 15.33
CA TYR A 100 -1.96 -7.49 14.46
C TYR A 100 -2.33 -8.37 13.29
N ARG A 101 -1.53 -9.37 12.97
CA ARG A 101 -1.82 -10.29 11.88
C ARG A 101 -2.20 -11.62 12.53
N SER A 102 -3.34 -11.61 13.21
CA SER A 102 -3.87 -12.71 14.03
C SER A 102 -4.38 -13.95 13.28
N SER A 103 -4.66 -13.90 11.99
CA SER A 103 -5.17 -15.11 11.33
C SER A 103 -4.11 -16.13 10.94
N TYR A 104 -3.47 -16.70 11.97
CA TYR A 104 -2.42 -17.73 11.81
C TYR A 104 -2.44 -18.91 12.77
N PRO A 105 -2.14 -20.09 12.26
CA PRO A 105 -1.98 -21.29 13.10
C PRO A 105 -1.17 -21.02 14.35
N TRP A 106 -1.68 -21.40 15.52
CA TRP A 106 -1.03 -21.09 16.78
C TRP A 106 -0.11 -22.26 17.13
N GLY A 107 1.14 -21.94 17.49
CA GLY A 107 2.12 -22.96 17.78
C GLY A 107 1.79 -23.75 19.03
N GLN A 108 2.60 -24.79 19.27
CA GLN A 108 2.36 -25.63 20.44
C GLN A 108 2.51 -24.86 21.74
N GLY A 109 3.54 -24.03 21.85
CA GLY A 109 3.70 -23.28 23.08
C GLY A 109 4.53 -24.01 24.12
N THR A 110 5.51 -23.34 24.72
CA THR A 110 6.35 -23.96 25.73
C THR A 110 5.82 -23.60 27.11
N GLN A 111 5.62 -24.61 27.95
CA GLN A 111 5.08 -24.42 29.29
C GLN A 111 6.20 -24.08 30.27
N VAL A 112 6.04 -22.97 30.99
CA VAL A 112 6.93 -22.58 32.07
C VAL A 112 6.12 -22.56 33.35
N THR A 113 6.52 -23.36 34.33
CA THR A 113 5.87 -23.41 35.63
C THR A 113 6.86 -22.99 36.71
N VAL A 114 6.45 -22.03 37.53
CA VAL A 114 7.32 -21.48 38.56
C VAL A 114 6.96 -22.08 39.91
N SER A 115 7.29 -23.36 40.11
CA SER A 115 7.06 -24.04 41.37
C SER A 115 8.33 -24.22 42.18
N SER A 116 9.36 -24.80 41.59
CA SER A 116 10.64 -25.04 42.27
C SER A 116 11.69 -25.52 41.28
N LEU B 39 48.92 -47.24 -35.76
CA LEU B 39 48.76 -45.80 -35.73
C LEU B 39 48.93 -45.19 -37.12
N SER B 40 47.88 -45.25 -37.93
CA SER B 40 47.94 -44.79 -39.30
C SER B 40 47.37 -43.38 -39.40
N LEU B 41 47.29 -42.87 -40.64
CA LEU B 41 46.76 -41.52 -40.83
C LEU B 41 45.25 -41.48 -40.69
N LYS B 42 44.55 -42.55 -41.05
CA LYS B 42 43.11 -42.58 -40.83
C LYS B 42 42.77 -42.57 -39.34
N ARG B 43 43.47 -43.38 -38.56
CA ARG B 43 43.23 -43.41 -37.12
C ARG B 43 43.54 -42.06 -36.48
N ALA B 44 44.69 -41.47 -36.83
CA ALA B 44 45.08 -40.20 -36.26
C ALA B 44 44.10 -39.10 -36.64
N LEU B 45 43.70 -39.06 -37.91
CA LEU B 45 42.76 -38.05 -38.36
C LEU B 45 41.42 -38.20 -37.65
N TRP B 46 40.94 -39.43 -37.50
CA TRP B 46 39.65 -39.64 -36.82
C TRP B 46 39.73 -39.24 -35.36
N ALA B 47 40.83 -39.58 -34.67
CA ALA B 47 40.96 -39.20 -33.28
C ALA B 47 41.05 -37.69 -33.12
N LEU B 48 41.78 -37.03 -34.02
CA LEU B 48 41.86 -35.57 -33.97
C LEU B 48 40.51 -34.93 -34.23
N CYS B 49 39.76 -35.45 -35.21
CA CYS B 49 38.44 -34.90 -35.49
C CYS B 49 37.48 -35.15 -34.34
N PHE B 50 37.61 -36.27 -33.64
CA PHE B 50 36.77 -36.50 -32.47
C PHE B 50 37.11 -35.52 -31.35
N LEU B 51 38.40 -35.36 -31.05
CA LEU B 51 38.78 -34.42 -30.00
C LEU B 51 38.58 -32.97 -30.42
N GLY B 52 38.32 -32.71 -31.70
CA GLY B 52 37.94 -31.38 -32.14
C GLY B 52 36.45 -31.16 -32.02
N SER B 53 35.68 -32.20 -32.36
CA SER B 53 34.24 -32.12 -32.22
C SER B 53 33.79 -32.20 -30.77
N LEU B 54 34.66 -32.66 -29.87
CA LEU B 54 34.33 -32.67 -28.45
C LEU B 54 34.58 -31.31 -27.80
N ALA B 55 35.43 -30.47 -28.39
CA ALA B 55 35.61 -29.12 -27.88
C ALA B 55 34.38 -28.27 -28.15
N VAL B 56 33.87 -28.31 -29.38
CA VAL B 56 32.69 -27.54 -29.72
C VAL B 56 31.49 -27.99 -28.88
N LEU B 57 31.40 -29.29 -28.62
CA LEU B 57 30.29 -29.80 -27.83
C LEU B 57 30.26 -29.15 -26.45
N LEU B 58 31.40 -29.07 -25.79
CA LEU B 58 31.43 -28.48 -24.46
C LEU B 58 31.27 -26.96 -24.53
N CYS B 59 31.90 -26.32 -25.51
CA CYS B 59 31.77 -24.87 -25.64
C CYS B 59 30.35 -24.44 -25.99
N VAL B 60 29.52 -25.36 -26.46
CA VAL B 60 28.11 -25.05 -26.73
C VAL B 60 27.22 -25.48 -25.57
N CYS B 61 27.48 -26.65 -24.97
CA CYS B 61 26.67 -27.10 -23.85
C CYS B 61 26.80 -26.16 -22.66
N THR B 62 28.01 -25.70 -22.38
CA THR B 62 28.16 -24.77 -21.27
C THR B 62 27.46 -23.45 -21.56
N GLU B 63 27.44 -23.02 -22.83
CA GLU B 63 26.69 -21.83 -23.20
C GLU B 63 25.21 -22.02 -22.90
N ARG B 64 24.65 -23.16 -23.30
CA ARG B 64 23.24 -23.41 -23.04
C ARG B 64 22.94 -23.45 -21.55
N VAL B 65 23.84 -24.06 -20.76
CA VAL B 65 23.60 -24.15 -19.33
C VAL B 65 23.65 -22.76 -18.68
N GLN B 66 24.62 -21.95 -19.05
CA GLN B 66 24.67 -20.59 -18.53
C GLN B 66 23.43 -19.81 -18.94
N TYR B 67 23.03 -19.94 -20.20
CA TYR B 67 21.84 -19.25 -20.68
C TYR B 67 20.61 -19.65 -19.88
N TYR B 68 20.48 -20.93 -19.55
CA TYR B 68 19.37 -21.35 -18.72
C TYR B 68 19.47 -20.74 -17.32
N PHE B 69 20.67 -20.67 -16.78
CA PHE B 69 20.81 -20.17 -15.42
C PHE B 69 20.75 -18.65 -15.34
N HIS B 70 20.66 -17.96 -16.47
CA HIS B 70 20.32 -16.54 -16.42
C HIS B 70 18.84 -16.32 -16.12
N TYR B 71 17.99 -17.30 -16.40
CA TYR B 71 16.55 -17.21 -16.17
C TYR B 71 15.94 -16.05 -16.95
N HIS B 72 16.01 -16.15 -18.27
CA HIS B 72 15.46 -15.12 -19.13
C HIS B 72 13.95 -15.30 -19.28
N HIS B 73 13.28 -14.21 -19.61
CA HIS B 73 11.85 -14.23 -19.89
C HIS B 73 11.56 -13.29 -21.06
N VAL B 74 10.39 -13.47 -21.66
CA VAL B 74 9.93 -12.60 -22.73
C VAL B 74 8.46 -12.25 -22.50
N THR B 75 8.05 -11.11 -23.01
CA THR B 75 6.69 -10.64 -22.74
C THR B 75 5.74 -11.08 -23.83
N LYS B 76 4.50 -11.29 -23.43
CA LYS B 76 3.41 -11.63 -24.34
C LYS B 76 2.28 -10.62 -24.13
N LEU B 77 2.00 -9.82 -25.14
CA LEU B 77 0.92 -8.86 -25.09
C LEU B 77 -0.27 -9.39 -25.87
N ASP B 78 -1.47 -9.19 -25.34
CA ASP B 78 -2.65 -9.67 -26.02
C ASP B 78 -3.81 -8.75 -25.68
N GLU B 79 -4.83 -8.74 -26.51
CA GLU B 79 -6.00 -7.90 -26.32
C GLU B 79 -7.24 -8.80 -26.28
N VAL B 80 -7.74 -9.08 -25.10
CA VAL B 80 -8.87 -9.99 -24.95
C VAL B 80 -10.14 -9.16 -24.93
N ALA B 81 -11.04 -9.43 -25.87
CA ALA B 81 -12.31 -8.74 -25.90
C ALA B 81 -13.28 -9.36 -24.91
N ALA B 82 -14.00 -8.51 -24.20
CA ALA B 82 -14.95 -8.96 -23.18
C ALA B 82 -16.24 -8.19 -23.33
N SER B 83 -17.34 -8.81 -22.91
CA SER B 83 -18.63 -8.16 -22.91
C SER B 83 -18.95 -7.45 -21.62
N GLN B 84 -18.13 -7.63 -20.58
CA GLN B 84 -18.33 -6.99 -19.30
C GLN B 84 -16.98 -6.67 -18.69
N LEU B 85 -16.84 -5.47 -18.18
CA LEU B 85 -15.66 -5.08 -17.43
C LEU B 85 -16.10 -4.46 -16.11
N THR B 86 -15.50 -4.87 -15.01
CA THR B 86 -15.83 -4.26 -13.74
C THR B 86 -15.32 -2.82 -13.73
N PHE B 87 -16.17 -1.90 -13.32
CA PHE B 87 -15.79 -0.50 -13.36
C PHE B 87 -14.79 -0.21 -12.25
N PRO B 88 -13.71 0.52 -12.53
CA PRO B 88 -12.70 0.76 -11.50
C PRO B 88 -13.25 1.62 -10.38
N ALA B 89 -12.57 1.55 -9.25
CA ALA B 89 -12.83 2.50 -8.18
C ALA B 89 -12.27 3.85 -8.57
N VAL B 90 -13.03 4.90 -8.28
CA VAL B 90 -12.67 6.26 -8.66
C VAL B 90 -12.57 7.06 -7.38
N THR B 91 -11.36 7.32 -6.91
CA THR B 91 -11.18 8.19 -5.76
C THR B 91 -10.98 9.60 -6.26
N PHE B 92 -11.51 10.57 -5.53
CA PHE B 92 -11.22 11.95 -5.90
C PHE B 92 -11.48 12.84 -4.71
N CYS B 93 -10.84 14.01 -4.73
CA CYS B 93 -11.06 14.97 -3.67
C CYS B 93 -10.50 16.33 -4.04
N ASN B 94 -11.08 17.34 -3.39
CA ASN B 94 -10.80 18.72 -3.70
C ASN B 94 -9.37 19.07 -3.33
N LEU B 95 -8.78 20.00 -4.10
CA LEU B 95 -7.43 20.45 -3.80
C LEU B 95 -7.37 21.31 -2.55
N ASN B 96 -8.52 21.71 -2.01
CA ASN B 96 -8.58 22.37 -0.72
C ASN B 96 -8.77 21.33 0.37
N GLU B 97 -7.85 21.30 1.33
CA GLU B 97 -7.93 20.28 2.37
C GLU B 97 -9.23 20.38 3.15
N PHE B 98 -9.61 21.59 3.54
CA PHE B 98 -10.80 21.76 4.35
C PHE B 98 -11.32 23.20 4.27
N ARG B 99 -12.62 23.33 4.50
CA ARG B 99 -13.34 24.56 4.24
C ARG B 99 -12.95 25.65 5.24
N PHE B 100 -13.17 26.89 4.84
CA PHE B 100 -12.87 28.02 5.70
C PHE B 100 -14.05 28.44 6.56
N SER B 101 -15.27 28.11 6.16
CA SER B 101 -16.42 28.46 6.96
C SER B 101 -16.67 27.46 8.08
N GLN B 102 -15.94 26.35 8.12
CA GLN B 102 -16.12 25.34 9.15
C GLN B 102 -15.04 25.36 10.21
N VAL B 103 -13.90 26.00 9.95
CA VAL B 103 -12.88 26.13 10.98
C VAL B 103 -13.40 27.09 12.04
N SER B 104 -13.29 26.67 13.29
CA SER B 104 -13.91 27.38 14.40
C SER B 104 -12.85 27.97 15.32
N LYS B 105 -13.30 28.62 16.37
CA LYS B 105 -12.38 29.19 17.35
C LYS B 105 -11.51 28.10 17.98
N ASN B 106 -12.15 27.02 18.43
CA ASN B 106 -11.40 25.90 18.99
C ASN B 106 -10.43 25.32 17.95
N ASP B 107 -10.93 25.12 16.72
CA ASP B 107 -10.10 24.50 15.69
C ASP B 107 -8.89 25.37 15.37
N LEU B 108 -9.07 26.69 15.38
CA LEU B 108 -8.00 27.62 15.07
C LEU B 108 -6.98 27.73 16.19
N TYR B 109 -7.28 27.22 17.37
CA TYR B 109 -6.35 27.34 18.48
C TYR B 109 -5.35 26.19 18.52
N HIS B 110 -5.85 24.96 18.63
CA HIS B 110 -4.96 23.80 18.68
C HIS B 110 -4.17 23.65 17.39
N ALA B 111 -4.84 23.79 16.25
CA ALA B 111 -4.25 23.47 14.95
C ALA B 111 -4.13 24.67 14.04
N GLY B 112 -4.29 25.89 14.54
CA GLY B 112 -4.17 27.05 13.69
C GLY B 112 -2.77 27.16 13.08
N GLU B 113 -1.74 26.89 13.87
CA GLU B 113 -0.38 26.98 13.35
C GLU B 113 -0.12 25.92 12.30
N LEU B 114 -0.64 24.71 12.50
CA LEU B 114 -0.39 23.63 11.57
C LEU B 114 -0.95 23.93 10.19
N LEU B 115 -2.21 24.31 10.13
CA LEU B 115 -2.89 24.49 8.85
C LEU B 115 -2.62 25.84 8.21
N ALA B 116 -1.54 26.51 8.63
CA ALA B 116 -0.99 27.67 7.94
C ALA B 116 -1.99 28.83 7.92
N LEU B 117 -2.40 29.24 9.12
CA LEU B 117 -3.20 30.45 9.29
C LEU B 117 -2.69 31.37 10.38
N LEU B 118 -1.93 30.87 11.34
CA LEU B 118 -1.48 31.65 12.48
C LEU B 118 0.04 31.56 12.59
N ASN B 119 0.61 32.53 13.28
CA ASN B 119 2.06 32.56 13.48
C ASN B 119 2.42 31.65 14.65
N ASN B 120 3.70 31.70 15.05
CA ASN B 120 4.16 30.85 16.15
C ASN B 120 3.54 31.25 17.48
N ARG B 121 3.28 32.55 17.67
CA ARG B 121 2.79 33.07 18.94
C ARG B 121 1.28 33.24 18.96
N TYR B 122 0.56 32.39 18.23
CA TYR B 122 -0.91 32.40 18.21
C TYR B 122 -1.47 33.75 17.78
N GLU B 123 -0.82 34.37 16.79
CA GLU B 123 -1.26 35.63 16.25
C GLU B 123 -1.20 35.57 14.73
N ILE B 124 -2.07 36.35 14.08
CA ILE B 124 -2.14 36.35 12.62
C ILE B 124 -0.87 36.99 12.06
N PRO B 125 -0.28 36.43 10.99
CA PRO B 125 0.86 37.08 10.35
C PRO B 125 0.49 38.32 9.55
N ASP B 126 1.46 38.86 8.82
CA ASP B 126 1.25 40.08 8.04
C ASP B 126 0.10 39.91 7.05
N THR B 127 -0.80 40.88 7.05
CA THR B 127 -2.03 40.80 6.28
C THR B 127 -2.15 41.96 5.30
N GLN B 128 -1.03 42.37 4.69
CA GLN B 128 -1.07 43.46 3.73
C GLN B 128 -1.97 43.10 2.54
N MET B 129 -1.79 41.91 1.99
CA MET B 129 -2.57 41.47 0.83
C MET B 129 -3.77 40.63 1.28
N ALA B 130 -4.60 41.24 2.13
CA ALA B 130 -5.71 40.56 2.77
C ALA B 130 -7.03 41.23 2.40
N ASP B 131 -8.00 40.42 1.97
CA ASP B 131 -9.34 40.93 1.72
C ASP B 131 -9.97 41.38 3.03
N GLU B 132 -10.61 42.55 2.99
CA GLU B 132 -11.12 43.17 4.22
C GLU B 132 -12.14 42.27 4.91
N LYS B 133 -13.15 41.81 4.16
CA LYS B 133 -14.16 40.94 4.77
C LYS B 133 -13.57 39.61 5.22
N GLN B 134 -12.68 39.03 4.40
CA GLN B 134 -12.08 37.76 4.76
C GLN B 134 -11.21 37.89 6.01
N LEU B 135 -10.48 39.00 6.11
CA LEU B 135 -9.62 39.19 7.26
C LEU B 135 -10.43 39.52 8.51
N GLU B 136 -11.55 40.22 8.35
CA GLU B 136 -12.40 40.46 9.51
C GLU B 136 -13.11 39.20 9.97
N ILE B 137 -13.51 38.33 9.03
CA ILE B 137 -14.12 37.06 9.41
C ILE B 137 -13.10 36.05 9.91
N LEU B 138 -11.80 36.35 9.75
CA LEU B 138 -10.81 35.52 10.44
C LEU B 138 -10.40 36.10 11.79
N GLN B 139 -10.28 37.43 11.88
CA GLN B 139 -9.83 38.06 13.10
C GLN B 139 -10.79 37.81 14.25
N ASP B 140 -12.09 37.83 13.98
CA ASP B 140 -13.06 37.49 15.02
C ASP B 140 -12.99 36.02 15.41
N LYS B 141 -12.37 35.17 14.59
CA LYS B 141 -12.11 33.79 14.96
C LYS B 141 -10.78 33.60 15.66
N ALA B 142 -9.99 34.65 15.84
CA ALA B 142 -8.68 34.57 16.45
C ALA B 142 -8.57 35.52 17.63
N ASN B 143 -9.63 35.63 18.43
CA ASN B 143 -9.58 36.51 19.59
C ASN B 143 -8.87 35.84 20.76
N PHE B 144 -9.36 34.68 21.17
CA PHE B 144 -8.81 33.96 22.33
C PHE B 144 -8.85 34.83 23.59
N ARG B 145 -9.95 35.56 23.77
CA ARG B 145 -10.14 36.38 24.96
C ARG B 145 -10.95 35.57 25.97
N SER B 146 -10.28 35.13 27.03
CA SER B 146 -10.89 34.27 28.06
C SER B 146 -11.46 33.00 27.44
N PHE B 147 -10.81 32.48 26.41
CA PHE B 147 -11.29 31.31 25.70
C PHE B 147 -10.80 30.06 26.41
N LYS B 148 -11.74 29.19 26.76
CA LYS B 148 -11.42 27.93 27.44
C LYS B 148 -11.38 26.82 26.40
N PRO B 149 -10.21 26.37 25.96
CA PRO B 149 -10.15 25.39 24.88
C PRO B 149 -10.81 24.07 25.28
N LYS B 150 -11.43 23.45 24.30
CA LYS B 150 -12.05 22.15 24.41
C LYS B 150 -11.15 21.09 23.79
N PRO B 151 -11.36 19.81 24.09
CA PRO B 151 -10.51 18.78 23.50
C PRO B 151 -10.60 18.78 21.98
N PHE B 152 -9.48 18.45 21.34
CA PHE B 152 -9.36 18.51 19.90
C PHE B 152 -8.89 17.17 19.37
N ASN B 153 -9.56 16.68 18.32
CA ASN B 153 -9.21 15.41 17.69
C ASN B 153 -9.03 15.66 16.20
N MET B 154 -7.83 15.41 15.70
CA MET B 154 -7.53 15.75 14.31
C MET B 154 -8.44 15.01 13.35
N ARG B 155 -8.70 13.74 13.61
CA ARG B 155 -9.61 12.98 12.75
C ARG B 155 -10.99 13.62 12.73
N GLU B 156 -11.49 14.04 13.89
CA GLU B 156 -12.79 14.70 13.92
C GLU B 156 -12.77 16.02 13.16
N PHE B 157 -11.64 16.73 13.20
CA PHE B 157 -11.56 17.99 12.48
C PHE B 157 -11.65 17.78 10.98
N TYR B 158 -10.92 16.79 10.45
CA TYR B 158 -10.98 16.54 9.01
C TYR B 158 -12.38 16.12 8.60
N ASP B 159 -13.02 15.27 9.38
CA ASP B 159 -14.35 14.78 9.05
C ASP B 159 -15.41 15.85 9.15
N ARG B 160 -15.10 17.00 9.75
CA ARG B 160 -16.05 18.09 9.87
C ARG B 160 -15.70 19.26 8.96
N ALA B 161 -14.45 19.71 8.98
CA ALA B 161 -14.06 20.82 8.14
C ALA B 161 -13.76 20.43 6.70
N GLY B 162 -13.62 19.15 6.41
CA GLY B 162 -13.37 18.73 5.05
C GLY B 162 -14.56 18.96 4.15
N HIS B 163 -14.31 18.93 2.86
CA HIS B 163 -15.36 19.21 1.89
C HIS B 163 -16.37 18.06 1.88
N ASP B 164 -17.64 18.42 1.79
CA ASP B 164 -18.74 17.46 1.92
C ASP B 164 -19.23 17.07 0.53
N ILE B 165 -19.35 15.76 0.29
CA ILE B 165 -19.77 15.31 -1.02
C ILE B 165 -21.21 15.72 -1.30
N ARG B 166 -22.04 15.79 -0.26
CA ARG B 166 -23.40 16.24 -0.46
C ARG B 166 -23.46 17.68 -0.97
N ASP B 167 -22.41 18.46 -0.75
CA ASP B 167 -22.34 19.81 -1.27
C ASP B 167 -21.67 19.88 -2.63
N MET B 168 -20.57 19.16 -2.82
CA MET B 168 -19.88 19.24 -4.12
C MET B 168 -20.68 18.53 -5.21
N LEU B 169 -21.25 17.37 -4.91
CA LEU B 169 -21.85 16.56 -5.96
C LEU B 169 -23.19 17.14 -6.38
N LEU B 170 -23.28 17.59 -7.63
CA LEU B 170 -24.48 18.20 -8.16
C LEU B 170 -25.37 17.24 -8.93
N SER B 171 -24.78 16.34 -9.72
CA SER B 171 -25.56 15.26 -10.32
C SER B 171 -24.61 14.15 -10.73
N CYS B 172 -24.70 13.02 -10.03
CA CYS B 172 -23.97 11.82 -10.40
C CYS B 172 -24.84 10.99 -11.32
N HIS B 173 -24.21 10.31 -12.28
CA HIS B 173 -24.89 9.36 -13.14
C HIS B 173 -23.97 8.16 -13.34
N PHE B 174 -24.56 6.99 -13.55
CA PHE B 174 -23.79 5.80 -13.90
C PHE B 174 -24.59 4.99 -14.88
N ARG B 175 -24.10 4.89 -16.11
CA ARG B 175 -24.76 4.13 -17.17
C ARG B 175 -26.19 4.62 -17.40
N GLY B 176 -26.40 5.91 -17.21
CA GLY B 176 -27.68 6.54 -17.46
C GLY B 176 -28.69 6.39 -16.35
N GLU B 177 -28.33 5.74 -15.25
CA GLU B 177 -29.20 5.60 -14.10
C GLU B 177 -28.76 6.61 -13.04
N VAL B 178 -29.73 7.26 -12.41
CA VAL B 178 -29.40 8.31 -11.46
C VAL B 178 -28.63 7.72 -10.29
N CYS B 179 -27.51 8.41 -9.97
CA CYS B 179 -26.62 7.99 -8.85
C CYS B 179 -26.90 8.91 -7.66
N SER B 180 -26.19 8.76 -6.54
CA SER B 180 -26.50 9.46 -5.30
C SER B 180 -25.21 9.73 -4.54
N ALA B 181 -25.29 10.67 -3.61
CA ALA B 181 -24.14 10.97 -2.75
C ALA B 181 -23.90 9.90 -1.71
N GLU B 182 -24.84 8.99 -1.50
CA GLU B 182 -24.66 7.87 -0.60
C GLU B 182 -23.84 6.76 -1.23
N ASP B 183 -23.49 6.89 -2.50
CA ASP B 183 -22.71 5.91 -3.23
C ASP B 183 -21.21 6.13 -3.08
N PHE B 184 -20.80 7.25 -2.48
CA PHE B 184 -19.40 7.60 -2.34
C PHE B 184 -18.96 7.34 -0.90
N LYS B 185 -17.94 6.51 -0.74
CA LYS B 185 -17.43 6.18 0.58
C LYS B 185 -16.33 7.14 0.98
N VAL B 186 -16.35 7.56 2.24
CA VAL B 186 -15.37 8.51 2.73
C VAL B 186 -14.06 7.80 3.02
N VAL B 187 -12.96 8.32 2.47
CA VAL B 187 -11.63 7.86 2.80
C VAL B 187 -10.82 9.08 3.21
N PHE B 188 -9.76 8.84 3.95
CA PHE B 188 -8.89 9.91 4.43
C PHE B 188 -7.51 9.72 3.82
N THR B 189 -7.04 10.73 3.10
CA THR B 189 -5.72 10.69 2.48
C THR B 189 -4.96 11.93 2.94
N ARG B 190 -3.75 12.09 2.40
CA ARG B 190 -2.97 13.27 2.72
C ARG B 190 -3.64 14.55 2.25
N TYR B 191 -4.52 14.46 1.26
CA TYR B 191 -5.28 15.61 0.80
C TYR B 191 -6.51 15.89 1.65
N GLY B 192 -6.71 15.12 2.72
CA GLY B 192 -7.83 15.35 3.60
C GLY B 192 -8.92 14.32 3.42
N LYS B 193 -10.15 14.79 3.29
CA LYS B 193 -11.33 13.94 3.20
C LYS B 193 -11.65 13.72 1.73
N CYS B 194 -11.27 12.57 1.19
CA CYS B 194 -11.55 12.24 -0.20
C CYS B 194 -12.68 11.22 -0.27
N TYR B 195 -13.25 11.03 -1.45
CA TYR B 195 -14.38 10.15 -1.63
C TYR B 195 -14.11 9.16 -2.74
N THR B 196 -14.53 7.91 -2.52
CA THR B 196 -14.28 6.83 -3.45
C THR B 196 -15.61 6.31 -3.99
N PHE B 197 -15.73 6.24 -5.30
CA PHE B 197 -16.90 5.68 -5.96
C PHE B 197 -16.58 4.27 -6.42
N ASN B 198 -17.56 3.38 -6.26
CA ASN B 198 -17.42 1.97 -6.60
C ASN B 198 -16.23 1.35 -5.88
N SER B 199 -16.07 1.70 -4.61
CA SER B 199 -14.95 1.19 -3.83
C SER B 199 -15.04 -0.30 -3.61
N GLY B 200 -16.21 -0.89 -3.72
CA GLY B 200 -16.36 -2.30 -3.44
C GLY B 200 -16.19 -2.65 -1.98
N ARG B 201 -16.09 -1.68 -1.10
CA ARG B 201 -16.01 -1.89 0.33
C ARG B 201 -17.39 -1.75 0.95
N ASP B 202 -17.47 -2.11 2.24
CA ASP B 202 -18.71 -2.09 3.00
C ASP B 202 -19.75 -3.03 2.39
N GLY B 203 -19.28 -4.07 1.70
CA GLY B 203 -20.15 -5.10 1.18
C GLY B 203 -20.88 -4.76 -0.09
N ARG B 204 -20.68 -3.58 -0.65
CA ARG B 204 -21.37 -3.21 -1.87
C ARG B 204 -20.80 -3.99 -3.05
N PRO B 205 -21.63 -4.37 -4.01
CA PRO B 205 -21.12 -5.11 -5.17
C PRO B 205 -20.47 -4.19 -6.18
N ARG B 206 -19.34 -4.63 -6.73
CA ARG B 206 -18.65 -3.85 -7.74
C ARG B 206 -19.50 -3.74 -8.99
N LEU B 207 -19.51 -2.56 -9.60
CA LEU B 207 -20.40 -2.27 -10.70
C LEU B 207 -19.75 -2.63 -12.03
N LYS B 208 -20.48 -3.34 -12.86
CA LYS B 208 -20.03 -3.72 -14.19
C LYS B 208 -20.46 -2.68 -15.20
N THR B 209 -19.74 -2.62 -16.31
CA THR B 209 -20.14 -1.78 -17.43
C THR B 209 -20.35 -2.66 -18.65
N MET B 210 -21.34 -2.30 -19.46
CA MET B 210 -21.78 -3.14 -20.56
C MET B 210 -21.50 -2.54 -21.93
N LYS B 211 -21.19 -1.25 -22.01
CA LYS B 211 -20.90 -0.60 -23.27
C LYS B 211 -19.79 0.41 -23.06
N GLY B 212 -18.98 0.62 -24.09
CA GLY B 212 -17.95 1.64 -24.05
C GLY B 212 -18.55 3.00 -24.32
N GLY B 213 -17.68 3.96 -24.57
CA GLY B 213 -18.13 5.25 -25.01
C GLY B 213 -18.45 6.19 -23.88
N THR B 214 -18.85 7.40 -24.27
CA THR B 214 -18.88 8.52 -23.35
C THR B 214 -19.97 8.39 -22.29
N GLY B 215 -21.21 8.18 -22.72
CA GLY B 215 -22.31 8.20 -21.78
C GLY B 215 -22.65 6.86 -21.16
N ASN B 216 -21.65 5.99 -21.01
CA ASN B 216 -21.87 4.66 -20.50
C ASN B 216 -20.91 4.37 -19.37
N GLY B 217 -20.61 5.38 -18.57
CA GLY B 217 -19.75 5.22 -17.41
C GLY B 217 -20.11 6.27 -16.39
N LEU B 218 -19.21 6.52 -15.44
CA LEU B 218 -19.47 7.54 -14.43
C LEU B 218 -19.49 8.91 -15.07
N GLU B 219 -20.40 9.77 -14.63
CA GLU B 219 -20.50 11.12 -15.17
C GLU B 219 -21.01 12.02 -14.06
N ILE B 220 -20.09 12.73 -13.40
CA ILE B 220 -20.43 13.51 -12.21
C ILE B 220 -20.14 14.98 -12.44
N MET B 221 -21.11 15.81 -12.12
CA MET B 221 -20.94 17.26 -12.12
C MET B 221 -20.62 17.68 -10.69
N LEU B 222 -19.48 18.33 -10.50
CA LEU B 222 -19.04 18.73 -9.18
C LEU B 222 -18.94 20.25 -9.09
N ASP B 223 -19.19 20.74 -7.89
CA ASP B 223 -19.06 22.14 -7.52
C ASP B 223 -17.92 22.23 -6.52
N ILE B 224 -16.74 22.66 -6.98
CA ILE B 224 -15.56 22.63 -6.13
C ILE B 224 -15.60 23.65 -5.01
N GLN B 225 -16.59 24.53 -4.99
CA GLN B 225 -16.79 25.49 -3.90
C GLN B 225 -15.54 26.36 -3.69
N GLN B 226 -15.22 27.15 -4.70
CA GLN B 226 -13.99 27.91 -4.64
C GLN B 226 -14.02 29.01 -3.58
N ASP B 227 -15.18 29.35 -3.05
CA ASP B 227 -15.26 30.40 -2.05
C ASP B 227 -15.04 29.88 -0.64
N GLU B 228 -14.91 28.57 -0.45
CA GLU B 228 -14.57 27.99 0.83
C GLU B 228 -13.08 27.80 1.00
N TYR B 229 -12.29 28.10 -0.02
CA TYR B 229 -10.86 27.83 0.04
C TYR B 229 -10.20 28.69 1.11
N LEU B 230 -9.20 28.14 1.77
CA LEU B 230 -8.49 28.88 2.78
C LEU B 230 -7.79 30.08 2.15
N PRO B 231 -7.81 31.25 2.79
CA PRO B 231 -7.17 32.42 2.20
C PRO B 231 -5.66 32.25 2.17
N VAL B 232 -5.04 32.92 1.21
CA VAL B 232 -3.59 32.92 1.07
C VAL B 232 -3.12 34.33 1.37
N TRP B 233 -2.54 34.54 2.55
CA TRP B 233 -1.94 35.82 2.86
C TRP B 233 -0.53 35.90 2.30
N GLY B 234 0.33 34.97 2.68
CA GLY B 234 1.69 34.94 2.20
C GLY B 234 2.08 33.55 1.75
N GLU B 235 2.95 33.51 0.74
CA GLU B 235 3.40 32.24 0.20
C GLU B 235 4.35 31.56 1.17
N THR B 236 3.91 30.45 1.75
CA THR B 236 4.79 29.59 2.51
C THR B 236 5.43 28.58 1.55
N ASP B 237 6.08 27.55 2.12
CA ASP B 237 6.70 26.54 1.28
C ASP B 237 5.66 25.76 0.48
N GLU B 238 4.50 25.49 1.10
CA GLU B 238 3.49 24.62 0.53
C GLU B 238 2.26 25.36 0.04
N THR B 239 2.29 26.69 0.00
CA THR B 239 1.15 27.45 -0.47
C THR B 239 0.81 27.04 -1.90
N SER B 240 -0.46 26.77 -2.15
CA SER B 240 -0.94 26.27 -3.43
C SER B 240 -1.92 27.27 -4.01
N PHE B 241 -1.73 27.63 -5.27
CA PHE B 241 -2.56 28.62 -5.94
C PHE B 241 -3.59 28.00 -6.87
N GLU B 242 -3.75 26.69 -6.85
CA GLU B 242 -4.57 26.02 -7.84
C GLU B 242 -5.94 25.65 -7.28
N ALA B 243 -6.90 25.51 -8.20
CA ALA B 243 -8.25 25.07 -7.91
C ALA B 243 -8.51 23.76 -8.65
N GLY B 244 -9.75 23.30 -8.60
CA GLY B 244 -10.07 22.03 -9.21
C GLY B 244 -9.88 20.89 -8.24
N ILE B 245 -10.10 19.67 -8.75
CA ILE B 245 -10.03 18.49 -7.90
C ILE B 245 -8.97 17.56 -8.44
N LYS B 246 -8.64 16.54 -7.64
CA LYS B 246 -7.66 15.54 -8.01
C LYS B 246 -8.32 14.17 -7.97
N VAL B 247 -8.08 13.37 -9.00
CA VAL B 247 -8.74 12.08 -9.19
C VAL B 247 -7.68 11.00 -9.30
N GLN B 248 -8.04 9.79 -8.88
CA GLN B 248 -7.24 8.61 -9.13
C GLN B 248 -8.19 7.49 -9.52
N ILE B 249 -7.80 6.71 -10.51
CA ILE B 249 -8.59 5.59 -10.99
C ILE B 249 -7.81 4.33 -10.69
N HIS B 250 -8.34 3.49 -9.81
CA HIS B 250 -7.58 2.34 -9.33
C HIS B 250 -8.51 1.14 -9.23
N SER B 251 -7.91 -0.04 -9.15
CA SER B 251 -8.70 -1.23 -8.91
C SER B 251 -9.20 -1.25 -7.47
N GLN B 252 -10.28 -1.96 -7.24
CA GLN B 252 -10.88 -1.97 -5.91
C GLN B 252 -9.99 -2.63 -4.87
N ASP B 253 -8.97 -3.38 -5.29
CA ASP B 253 -8.12 -4.09 -4.33
C ASP B 253 -7.21 -3.12 -3.59
N GLU B 254 -6.60 -2.22 -4.29
CA GLU B 254 -5.64 -1.36 -3.64
C GLU B 254 -6.32 -0.12 -3.06
N PRO B 255 -5.73 0.49 -2.03
CA PRO B 255 -6.30 1.71 -1.48
C PRO B 255 -5.89 2.92 -2.29
N PRO B 256 -6.63 4.01 -2.20
CA PRO B 256 -6.26 5.21 -2.94
C PRO B 256 -4.95 5.80 -2.45
N PHE B 257 -4.21 6.38 -3.38
CA PHE B 257 -2.90 6.95 -3.09
C PHE B 257 -2.76 8.27 -3.84
N ILE B 258 -3.80 9.11 -3.77
CA ILE B 258 -3.89 10.30 -4.61
C ILE B 258 -2.67 11.18 -4.46
N ASP B 259 -2.00 11.13 -3.32
CA ASP B 259 -0.88 12.01 -3.08
C ASP B 259 0.20 11.88 -4.15
N GLN B 260 0.30 10.72 -4.79
CA GLN B 260 1.33 10.51 -5.79
C GLN B 260 0.79 10.02 -7.12
N LEU B 261 -0.38 9.39 -7.11
CA LEU B 261 -0.88 8.70 -8.29
C LEU B 261 -2.07 9.39 -8.95
N GLY B 262 -2.42 10.59 -8.53
CA GLY B 262 -3.58 11.25 -9.06
C GLY B 262 -3.27 12.20 -10.21
N PHE B 263 -4.33 12.63 -10.88
CA PHE B 263 -4.26 13.65 -11.90
C PHE B 263 -5.32 14.71 -11.62
N GLY B 264 -5.04 15.94 -12.01
CA GLY B 264 -5.96 17.02 -11.72
C GLY B 264 -6.97 17.22 -12.82
N VAL B 265 -8.15 17.71 -12.44
CA VAL B 265 -9.14 18.18 -13.40
C VAL B 265 -9.62 19.55 -12.93
N ALA B 266 -9.88 20.43 -13.89
CA ALA B 266 -10.05 21.86 -13.70
C ALA B 266 -11.51 22.26 -13.82
N PRO B 267 -11.92 23.29 -13.08
CA PRO B 267 -13.30 23.75 -13.18
C PRO B 267 -13.60 24.38 -14.52
N GLY B 268 -14.86 24.28 -14.93
CA GLY B 268 -15.28 24.77 -16.22
C GLY B 268 -14.81 23.94 -17.38
N PHE B 269 -14.84 22.61 -17.24
CA PHE B 269 -14.34 21.73 -18.29
C PHE B 269 -14.94 20.35 -18.09
N GLN B 270 -15.74 19.91 -19.07
CA GLN B 270 -16.07 18.50 -19.23
C GLN B 270 -14.79 17.73 -19.51
N THR B 271 -14.38 16.87 -18.60
CA THR B 271 -13.15 16.10 -18.74
C THR B 271 -13.52 14.65 -19.01
N PHE B 272 -13.25 14.20 -20.23
CA PHE B 272 -13.41 12.80 -20.57
C PHE B 272 -12.17 12.04 -20.19
N VAL B 273 -12.33 10.97 -19.43
CA VAL B 273 -11.26 10.07 -19.05
C VAL B 273 -11.58 8.71 -19.64
N ALA B 274 -10.90 8.37 -20.73
CA ALA B 274 -11.07 7.08 -21.38
C ALA B 274 -10.08 6.10 -20.77
N CYS B 275 -10.59 5.11 -20.05
CA CYS B 275 -9.76 4.15 -19.35
C CYS B 275 -9.49 2.93 -20.22
N GLN B 276 -8.47 2.17 -19.82
CA GLN B 276 -8.09 0.96 -20.52
C GLN B 276 -7.61 -0.02 -19.46
N GLU B 277 -8.34 -1.12 -19.30
CA GLU B 277 -7.97 -2.14 -18.34
C GLU B 277 -6.74 -2.91 -18.82
N GLN B 278 -5.86 -3.25 -17.89
CA GLN B 278 -4.55 -3.78 -18.25
C GLN B 278 -4.13 -4.73 -17.15
N ARG B 279 -4.20 -6.03 -17.44
CA ARG B 279 -3.91 -7.05 -16.45
C ARG B 279 -2.50 -7.54 -16.70
N LEU B 280 -1.70 -7.60 -15.65
CA LEU B 280 -0.28 -7.86 -15.76
C LEU B 280 0.03 -9.10 -14.95
N ILE B 281 0.57 -10.12 -15.62
CA ILE B 281 1.18 -11.28 -15.00
C ILE B 281 2.68 -11.08 -14.93
N TYR B 282 3.25 -11.23 -13.74
CA TYR B 282 4.68 -11.18 -13.53
C TYR B 282 5.20 -12.55 -13.09
N LEU B 283 6.52 -12.70 -13.12
CA LEU B 283 7.15 -13.98 -12.81
C LEU B 283 7.87 -13.90 -11.48
N PRO B 284 7.65 -14.85 -10.58
CA PRO B 284 8.34 -14.83 -9.30
C PRO B 284 9.81 -15.12 -9.47
N PRO B 285 10.63 -14.95 -8.44
CA PRO B 285 12.01 -15.36 -8.53
C PRO B 285 12.11 -16.83 -8.88
N PRO B 286 13.16 -17.24 -9.60
CA PRO B 286 14.29 -16.40 -10.02
C PRO B 286 14.10 -15.69 -11.34
N TRP B 287 12.96 -15.86 -12.00
CA TRP B 287 12.77 -15.21 -13.29
C TRP B 287 12.61 -13.71 -13.14
N GLY B 288 11.83 -13.28 -12.14
CA GLY B 288 11.64 -11.87 -11.90
C GLY B 288 11.67 -11.56 -10.43
N THR B 289 11.12 -10.42 -10.03
CA THR B 289 11.05 -10.01 -8.64
C THR B 289 9.61 -9.63 -8.35
N CYS B 290 8.84 -10.60 -7.85
CA CYS B 290 7.43 -10.36 -7.57
C CYS B 290 7.01 -11.28 -6.44
N LYS B 291 5.95 -10.90 -5.76
CA LYS B 291 5.50 -11.53 -4.52
C LYS B 291 4.20 -12.26 -4.85
N ALA B 292 4.28 -13.57 -5.04
CA ALA B 292 3.11 -14.34 -5.41
C ALA B 292 2.01 -14.17 -4.37
N VAL B 293 0.78 -13.96 -4.83
CA VAL B 293 -0.31 -13.62 -3.94
C VAL B 293 -0.76 -14.87 -3.19
N THR B 294 -0.88 -14.74 -1.88
CA THR B 294 -1.37 -15.80 -1.02
C THR B 294 -2.80 -15.49 -0.59
N MET B 295 -3.42 -16.43 0.13
CA MET B 295 -4.80 -16.22 0.62
C MET B 295 -4.82 -15.00 1.55
N ASP B 296 -3.84 -14.91 2.44
CA ASP B 296 -3.75 -13.74 3.36
C ASP B 296 -2.74 -12.74 2.80
N SER B 297 -2.62 -11.57 3.44
CA SER B 297 -1.59 -10.58 3.01
C SER B 297 -0.44 -10.60 4.00
N ASP B 298 0.74 -10.15 3.56
CA ASP B 298 1.88 -10.03 4.52
C ASP B 298 1.86 -8.61 5.10
N LEU B 299 0.68 -8.07 5.41
CA LEU B 299 0.56 -6.69 5.93
C LEU B 299 -0.16 -6.70 7.29
N ASP B 300 0.34 -5.93 8.26
CA ASP B 300 -0.25 -5.83 9.59
C ASP B 300 -1.57 -5.08 9.61
N PHE B 301 -1.85 -4.26 8.59
CA PHE B 301 -3.03 -3.41 8.64
C PHE B 301 -3.95 -3.54 7.45
N PHE B 302 -3.64 -4.38 6.48
CA PHE B 302 -4.43 -4.46 5.26
C PHE B 302 -4.81 -5.92 4.99
N ASP B 303 -6.06 -6.13 4.60
CA ASP B 303 -6.53 -7.49 4.36
C ASP B 303 -5.86 -8.09 3.13
N SER B 304 -5.69 -7.30 2.07
CA SER B 304 -5.08 -7.76 0.84
C SER B 304 -3.80 -6.98 0.58
N TYR B 305 -2.94 -7.55 -0.24
CA TYR B 305 -1.62 -6.98 -0.50
C TYR B 305 -1.64 -6.15 -1.77
N SER B 306 -0.95 -5.02 -1.73
CA SER B 306 -0.85 -4.13 -2.87
C SER B 306 0.45 -3.34 -2.73
N ILE B 307 0.98 -2.89 -3.86
CA ILE B 307 2.19 -2.09 -3.83
C ILE B 307 1.98 -0.79 -3.07
N THR B 308 0.73 -0.34 -2.96
CA THR B 308 0.36 0.85 -2.21
C THR B 308 0.05 0.56 -0.76
N ALA B 309 -0.69 -0.53 -0.51
CA ALA B 309 -0.93 -0.96 0.86
C ALA B 309 0.38 -1.22 1.58
N CYS B 310 1.37 -1.74 0.85
CA CYS B 310 2.68 -1.96 1.47
C CYS B 310 3.31 -0.65 1.93
N ARG B 311 3.25 0.40 1.11
CA ARG B 311 3.86 1.66 1.51
C ARG B 311 3.10 2.30 2.66
N ILE B 312 1.78 2.26 2.62
CA ILE B 312 1.00 2.83 3.71
C ILE B 312 1.27 2.07 5.00
N ASP B 313 1.37 0.75 4.92
CA ASP B 313 1.71 -0.06 6.07
C ASP B 313 3.08 0.29 6.61
N CYS B 314 4.06 0.45 5.74
CA CYS B 314 5.40 0.82 6.15
C CYS B 314 5.39 2.13 6.91
N GLU B 315 4.74 3.15 6.36
CA GLU B 315 4.68 4.45 7.02
C GLU B 315 4.00 4.36 8.37
N THR B 316 2.86 3.67 8.42
CA THR B 316 2.12 3.56 9.67
C THR B 316 2.93 2.85 10.73
N ARG B 317 3.58 1.74 10.37
CA ARG B 317 4.38 1.00 11.33
C ARG B 317 5.53 1.85 11.82
N TYR B 318 6.20 2.58 10.92
CA TYR B 318 7.30 3.42 11.33
C TYR B 318 6.85 4.47 12.34
N LEU B 319 5.76 5.17 12.05
CA LEU B 319 5.30 6.19 12.98
C LEU B 319 4.89 5.59 14.31
N VAL B 320 4.08 4.53 14.28
CA VAL B 320 3.56 3.97 15.52
C VAL B 320 4.70 3.45 16.39
N GLU B 321 5.68 2.78 15.77
CA GLU B 321 6.81 2.29 16.53
C GLU B 321 7.74 3.42 16.96
N ASN B 322 7.72 4.57 16.29
CA ASN B 322 8.64 5.63 16.65
C ASN B 322 8.09 6.51 17.77
N CYS B 323 6.92 7.12 17.58
CA CYS B 323 6.42 7.96 18.67
C CYS B 323 4.93 7.82 18.91
N ASN B 324 4.37 6.64 18.70
CA ASN B 324 3.10 6.24 19.30
C ASN B 324 1.92 7.07 18.82
N CYS B 325 1.97 7.58 17.59
CA CYS B 325 0.80 8.22 17.04
C CYS B 325 0.81 8.04 15.53
N ARG B 326 -0.37 8.18 14.92
CA ARG B 326 -0.52 8.02 13.49
C ARG B 326 -1.21 9.24 12.91
N MET B 327 -0.83 9.60 11.69
CA MET B 327 -1.54 10.63 10.98
C MET B 327 -2.98 10.20 10.74
N VAL B 328 -3.83 11.16 10.38
CA VAL B 328 -5.25 10.87 10.26
C VAL B 328 -5.52 9.82 9.19
N HIS B 329 -4.64 9.72 8.19
CA HIS B 329 -4.90 8.89 7.02
C HIS B 329 -4.33 7.49 7.15
N MET B 330 -3.79 7.12 8.29
CA MET B 330 -3.23 5.78 8.39
C MET B 330 -4.16 4.85 9.14
N PRO B 331 -4.17 3.57 8.81
CA PRO B 331 -5.06 2.61 9.47
C PRO B 331 -4.48 2.20 10.83
N GLY B 332 -5.17 1.28 11.48
CA GLY B 332 -4.70 0.79 12.75
C GLY B 332 -5.56 1.22 13.91
N ASP B 333 -4.97 1.33 15.10
CA ASP B 333 -5.72 1.68 16.30
C ASP B 333 -5.01 2.70 17.18
N ALA B 334 -3.80 3.12 16.84
CA ALA B 334 -3.07 4.06 17.67
C ALA B 334 -3.77 5.42 17.68
N PRO B 335 -3.64 6.18 18.76
CA PRO B 335 -4.27 7.50 18.80
C PRO B 335 -3.64 8.45 17.80
N TYR B 336 -4.49 9.34 17.27
CA TYR B 336 -4.04 10.28 16.25
C TYR B 336 -3.08 11.30 16.85
N CYS B 337 -2.12 11.74 16.05
CA CYS B 337 -1.18 12.74 16.52
C CYS B 337 -1.88 14.06 16.73
N THR B 338 -1.68 14.66 17.90
CA THR B 338 -2.10 16.01 18.13
C THR B 338 -1.24 16.97 17.31
N PRO B 339 -1.76 18.17 17.00
CA PRO B 339 -0.99 19.08 16.14
C PRO B 339 0.38 19.42 16.67
N GLU B 340 0.59 19.30 17.99
CA GLU B 340 1.94 19.44 18.54
C GLU B 340 2.85 18.36 18.01
N GLN B 341 2.32 17.16 17.80
CA GLN B 341 3.09 16.01 17.35
C GLN B 341 3.18 15.94 15.83
N TYR B 342 3.24 17.08 15.16
CA TYR B 342 3.43 17.14 13.73
C TYR B 342 4.69 17.87 13.33
N LYS B 343 5.12 18.85 14.13
CA LYS B 343 6.43 19.44 14.00
C LYS B 343 7.45 18.80 14.93
N GLU B 344 7.01 17.87 15.79
CA GLU B 344 7.92 17.16 16.67
C GLU B 344 7.95 15.66 16.43
N CYS B 345 7.00 15.14 15.63
CA CYS B 345 6.89 13.68 15.45
C CYS B 345 6.44 13.23 14.05
N ALA B 346 5.78 14.08 13.25
CA ALA B 346 5.25 13.48 12.03
C ALA B 346 6.07 13.86 10.81
N ASP B 347 6.10 15.15 10.48
CA ASP B 347 6.87 15.57 9.31
C ASP B 347 8.36 15.24 9.43
N PRO B 348 9.02 15.47 10.57
CA PRO B 348 10.44 15.06 10.66
C PRO B 348 10.66 13.57 10.40
N ALA B 349 9.92 12.70 11.10
CA ALA B 349 10.13 11.27 10.94
C ALA B 349 9.79 10.81 9.54
N LEU B 350 8.71 11.35 8.95
CA LEU B 350 8.36 10.97 7.59
C LEU B 350 9.43 11.41 6.59
N ASP B 351 9.96 12.63 6.71
CA ASP B 351 11.04 13.05 5.84
C ASP B 351 12.26 12.18 6.03
N PHE B 352 12.58 11.83 7.28
CA PHE B 352 13.72 10.98 7.56
C PHE B 352 13.56 9.61 6.88
N LEU B 353 12.37 9.04 6.97
CA LEU B 353 12.12 7.75 6.32
C LEU B 353 12.22 7.88 4.80
N VAL B 354 11.67 8.96 4.24
CA VAL B 354 11.60 9.08 2.79
C VAL B 354 12.97 9.30 2.19
N GLU B 355 13.75 10.23 2.76
CA GLU B 355 14.92 10.72 2.06
C GLU B 355 16.11 9.76 2.14
N LYS B 356 16.65 9.57 3.35
CA LYS B 356 17.88 8.81 3.50
C LYS B 356 17.66 7.40 4.05
N ASP B 357 16.51 7.15 4.67
CA ASP B 357 16.24 5.89 5.33
C ASP B 357 15.31 5.00 4.51
N GLN B 358 15.40 5.10 3.19
CA GLN B 358 14.37 4.67 2.25
C GLN B 358 14.34 3.18 2.01
N GLU B 359 15.26 2.41 2.60
CA GLU B 359 15.37 0.98 2.32
C GLU B 359 14.99 0.13 3.53
N TYR B 360 14.20 0.67 4.45
CA TYR B 360 13.61 -0.17 5.49
C TYR B 360 12.59 -1.14 4.92
N CYS B 361 11.67 -0.65 4.10
CA CYS B 361 10.58 -1.46 3.56
C CYS B 361 10.71 -1.58 2.06
N VAL B 362 11.01 -2.79 1.59
CA VAL B 362 11.09 -3.11 0.18
C VAL B 362 9.76 -3.76 -0.22
N CYS B 363 8.98 -3.05 -1.02
CA CYS B 363 7.61 -3.48 -1.36
C CYS B 363 7.67 -4.31 -2.63
N GLU B 364 7.70 -5.63 -2.49
CA GLU B 364 7.63 -6.49 -3.67
C GLU B 364 6.28 -6.35 -4.36
N MET B 365 6.33 -6.10 -5.65
CA MET B 365 5.15 -5.79 -6.46
C MET B 365 4.45 -7.07 -6.90
N PRO B 366 3.14 -7.19 -6.69
CA PRO B 366 2.47 -8.50 -6.82
C PRO B 366 2.60 -9.06 -8.24
N CYS B 367 2.71 -10.39 -8.33
CA CYS B 367 2.87 -11.04 -9.61
C CYS B 367 1.72 -10.87 -10.59
N ASN B 368 0.54 -10.40 -10.18
CA ASN B 368 -0.45 -9.98 -11.15
C ASN B 368 -1.30 -8.90 -10.54
N LEU B 369 -1.72 -7.99 -11.39
CA LEU B 369 -2.56 -6.89 -10.95
C LEU B 369 -3.21 -6.28 -12.18
N THR B 370 -4.38 -5.69 -11.99
CA THR B 370 -5.01 -4.91 -13.03
C THR B 370 -4.83 -3.45 -12.72
N ARG B 371 -4.37 -2.70 -13.71
CA ARG B 371 -4.20 -1.27 -13.65
C ARG B 371 -5.00 -0.64 -14.78
N TYR B 372 -5.16 0.68 -14.71
CA TYR B 372 -6.03 1.38 -15.63
C TYR B 372 -5.27 2.50 -16.30
N GLY B 373 -4.96 2.34 -17.57
CA GLY B 373 -4.45 3.45 -18.34
C GLY B 373 -5.57 4.43 -18.63
N LYS B 374 -5.19 5.65 -18.98
CA LYS B 374 -6.21 6.67 -19.15
C LYS B 374 -5.78 7.66 -20.22
N GLU B 375 -6.77 8.27 -20.85
CA GLU B 375 -6.57 9.35 -21.80
C GLU B 375 -7.51 10.48 -21.46
N LEU B 376 -6.97 11.69 -21.35
CA LEU B 376 -7.71 12.86 -20.92
C LEU B 376 -8.06 13.73 -22.12
N SER B 377 -9.28 14.26 -22.12
CA SER B 377 -9.62 15.28 -23.11
C SER B 377 -10.67 16.20 -22.52
N MET B 378 -10.78 17.40 -23.08
CA MET B 378 -11.58 18.44 -22.45
C MET B 378 -12.54 19.08 -23.44
N VAL B 379 -13.67 19.55 -22.91
CA VAL B 379 -14.67 20.33 -23.64
C VAL B 379 -15.14 21.43 -22.70
N LYS B 380 -15.52 22.58 -23.25
CA LYS B 380 -15.87 23.71 -22.41
C LYS B 380 -17.23 23.52 -21.75
N ILE B 381 -17.33 23.95 -20.49
CA ILE B 381 -18.57 23.94 -19.72
C ILE B 381 -18.74 25.31 -19.09
N PRO B 382 -19.95 25.89 -19.10
CA PRO B 382 -21.09 25.44 -19.87
C PRO B 382 -21.24 26.20 -21.18
N SER B 383 -21.97 25.62 -22.11
CA SER B 383 -22.25 26.32 -23.36
C SER B 383 -23.08 27.56 -23.07
N LYS B 384 -22.98 28.54 -23.97
CA LYS B 384 -23.79 29.74 -23.82
C LYS B 384 -25.26 29.42 -23.80
N ALA B 385 -25.67 28.32 -24.44
CA ALA B 385 -27.07 27.94 -24.45
C ALA B 385 -27.57 27.58 -23.06
N SER B 386 -26.78 26.84 -22.29
CA SER B 386 -27.23 26.30 -21.02
C SER B 386 -26.57 26.93 -19.81
N ALA B 387 -25.91 28.07 -19.97
CA ALA B 387 -25.33 28.76 -18.83
C ALA B 387 -26.41 29.23 -17.85
N LYS B 388 -27.44 29.89 -18.38
CA LYS B 388 -28.50 30.41 -17.53
C LYS B 388 -29.28 29.30 -16.85
N TYR B 389 -29.46 28.18 -17.53
CA TYR B 389 -30.20 27.08 -16.91
C TYR B 389 -29.49 26.59 -15.66
N LEU B 390 -28.16 26.41 -15.73
CA LEU B 390 -27.44 26.00 -14.52
C LEU B 390 -27.46 27.09 -13.46
N ALA B 391 -27.26 28.34 -13.86
CA ALA B 391 -27.20 29.44 -12.91
C ALA B 391 -28.58 29.83 -12.41
N LYS B 392 -29.58 29.06 -12.77
CA LYS B 392 -30.92 29.14 -12.20
C LYS B 392 -31.29 27.87 -11.47
N LYS B 393 -30.81 26.72 -11.94
CA LYS B 393 -31.00 25.44 -11.28
C LYS B 393 -30.33 25.43 -9.92
N TYR B 394 -29.31 26.26 -9.74
CA TYR B 394 -28.57 26.30 -8.49
C TYR B 394 -28.66 27.61 -7.72
N ASN B 395 -29.29 28.64 -8.28
CA ASN B 395 -29.55 29.91 -7.61
C ASN B 395 -28.27 30.75 -7.62
N LYS B 396 -27.13 30.17 -8.02
CA LYS B 396 -25.81 30.80 -8.06
C LYS B 396 -25.69 31.78 -9.23
N SER B 397 -24.64 32.61 -9.19
CA SER B 397 -24.34 33.53 -10.28
C SER B 397 -23.74 32.81 -11.50
N GLU B 398 -23.97 33.37 -12.70
CA GLU B 398 -23.38 32.77 -13.90
C GLU B 398 -21.86 32.70 -13.84
N GLN B 399 -21.23 33.68 -13.19
CA GLN B 399 -19.78 33.66 -12.99
C GLN B 399 -19.36 32.49 -12.13
N TYR B 400 -20.05 32.31 -11.02
CA TYR B 400 -19.81 31.18 -10.14
C TYR B 400 -19.83 29.88 -10.94
N ILE B 401 -20.94 29.61 -11.61
CA ILE B 401 -21.04 28.39 -12.43
C ILE B 401 -19.87 28.30 -13.39
N GLY B 402 -19.46 29.43 -13.95
CA GLY B 402 -18.34 29.40 -14.88
C GLY B 402 -17.03 28.96 -14.26
N GLU B 403 -16.80 29.33 -13.01
CA GLU B 403 -15.49 29.09 -12.40
C GLU B 403 -15.49 28.02 -11.33
N ASN B 404 -16.61 27.36 -11.08
CA ASN B 404 -16.72 26.38 -10.01
C ASN B 404 -17.19 25.01 -10.46
N ILE B 405 -17.83 24.89 -11.60
CA ILE B 405 -18.50 23.66 -12.01
C ILE B 405 -17.57 22.91 -12.94
N LEU B 406 -17.32 21.64 -12.64
CA LEU B 406 -16.60 20.76 -13.54
C LEU B 406 -17.41 19.49 -13.72
N VAL B 407 -17.07 18.71 -14.74
CA VAL B 407 -17.81 17.48 -15.00
C VAL B 407 -16.80 16.40 -15.34
N LEU B 408 -16.60 15.45 -14.45
CA LEU B 408 -15.86 14.25 -14.79
C LEU B 408 -16.74 13.31 -15.59
N ASP B 409 -16.13 12.64 -16.56
CA ASP B 409 -16.83 11.68 -17.39
C ASP B 409 -15.86 10.53 -17.61
N ILE B 410 -15.93 9.52 -16.76
CA ILE B 410 -15.00 8.41 -16.75
C ILE B 410 -15.68 7.23 -17.41
N PHE B 411 -15.03 6.65 -18.42
CA PHE B 411 -15.66 5.58 -19.17
C PHE B 411 -14.60 4.70 -19.79
N PHE B 412 -15.01 3.52 -20.24
CA PHE B 412 -14.15 2.63 -20.99
C PHE B 412 -14.27 2.96 -22.47
N GLU B 413 -13.13 3.07 -23.15
CA GLU B 413 -13.16 3.39 -24.57
C GLU B 413 -13.81 2.26 -25.36
N VAL B 414 -13.22 1.07 -25.30
CA VAL B 414 -13.82 -0.12 -25.88
C VAL B 414 -13.81 -1.21 -24.81
N LEU B 415 -14.73 -2.16 -24.96
CA LEU B 415 -14.82 -3.26 -24.00
C LEU B 415 -13.85 -4.35 -24.42
N ASN B 416 -12.59 -4.14 -24.05
CA ASN B 416 -11.59 -5.20 -24.06
C ASN B 416 -10.50 -4.80 -23.10
N TYR B 417 -9.73 -5.78 -22.66
CA TYR B 417 -8.62 -5.51 -21.76
C TYR B 417 -7.33 -6.00 -22.37
N GLU B 418 -6.27 -5.21 -22.18
CA GLU B 418 -4.95 -5.65 -22.58
C GLU B 418 -4.37 -6.51 -21.47
N THR B 419 -3.71 -7.58 -21.86
CA THR B 419 -3.03 -8.45 -20.91
C THR B 419 -1.56 -8.49 -21.29
N ILE B 420 -0.71 -8.31 -20.28
CA ILE B 420 0.73 -8.24 -20.45
C ILE B 420 1.29 -9.31 -19.54
N GLU B 421 1.85 -10.35 -20.13
CA GLU B 421 2.34 -11.48 -19.36
C GLU B 421 3.83 -11.59 -19.50
N GLN B 422 4.51 -11.99 -18.44
CA GLN B 422 5.89 -12.43 -18.55
C GLN B 422 5.93 -13.94 -18.65
N LYS B 423 6.60 -14.45 -19.68
CA LYS B 423 6.65 -15.87 -19.99
C LYS B 423 8.08 -16.36 -19.85
N LYS B 424 8.24 -17.53 -19.26
CA LYS B 424 9.56 -18.10 -19.08
C LYS B 424 10.12 -18.49 -20.44
N ALA B 425 11.31 -18.00 -20.75
CA ALA B 425 11.82 -18.15 -22.10
C ALA B 425 12.54 -19.45 -22.38
N TYR B 426 12.99 -20.17 -21.35
CA TYR B 426 13.79 -21.35 -21.59
C TYR B 426 13.61 -22.24 -20.37
N GLU B 427 12.85 -23.32 -20.53
CA GLU B 427 12.53 -24.22 -19.44
C GLU B 427 13.39 -25.48 -19.48
N ILE B 428 13.29 -26.27 -18.41
CA ILE B 428 14.18 -27.41 -18.22
C ILE B 428 14.01 -28.44 -19.33
N ALA B 429 12.79 -28.65 -19.80
CA ALA B 429 12.58 -29.57 -20.91
C ALA B 429 13.28 -29.06 -22.15
N GLY B 430 13.20 -27.75 -22.39
CA GLY B 430 13.93 -27.16 -23.49
C GLY B 430 15.44 -27.29 -23.31
N LEU B 431 15.91 -27.16 -22.08
CA LEU B 431 17.34 -27.34 -21.82
C LEU B 431 17.79 -28.75 -22.17
N LEU B 432 17.03 -29.75 -21.71
CA LEU B 432 17.38 -31.13 -22.02
C LEU B 432 17.32 -31.40 -23.51
N GLY B 433 16.31 -30.86 -24.19
CA GLY B 433 16.24 -31.02 -25.62
C GLY B 433 17.44 -30.42 -26.33
N ASP B 434 17.81 -29.20 -25.97
CA ASP B 434 18.91 -28.53 -26.68
C ASP B 434 20.25 -29.14 -26.33
N ILE B 435 20.38 -29.75 -25.16
CA ILE B 435 21.64 -30.42 -24.84
C ILE B 435 21.73 -31.78 -25.53
N GLY B 436 20.65 -32.57 -25.46
CA GLY B 436 20.67 -33.87 -26.10
C GLY B 436 20.81 -33.78 -27.61
N GLY B 437 20.10 -32.85 -28.24
CA GLY B 437 20.11 -32.78 -29.68
C GLY B 437 21.44 -32.38 -30.28
N GLN B 438 22.33 -31.77 -29.49
CA GLN B 438 23.65 -31.44 -29.97
C GLN B 438 24.73 -32.36 -29.43
N MET B 439 24.49 -32.96 -28.27
CA MET B 439 25.37 -34.05 -27.84
C MET B 439 25.26 -35.23 -28.80
N GLY B 440 24.06 -35.49 -29.30
CA GLY B 440 23.84 -36.48 -30.34
C GLY B 440 24.14 -36.00 -31.73
N LEU B 441 24.57 -34.76 -31.89
CA LEU B 441 25.02 -34.25 -33.17
C LEU B 441 26.53 -34.15 -33.27
N PHE B 442 27.22 -34.01 -32.15
CA PHE B 442 28.67 -33.82 -32.18
C PHE B 442 29.43 -35.09 -31.86
N ILE B 443 28.96 -35.90 -30.90
CA ILE B 443 29.59 -37.16 -30.57
C ILE B 443 28.61 -38.33 -30.59
N GLY B 444 27.36 -38.09 -30.96
CA GLY B 444 26.40 -39.18 -31.10
C GLY B 444 26.17 -39.99 -29.85
N ALA B 445 26.43 -39.41 -28.68
CA ALA B 445 26.34 -40.16 -27.44
C ALA B 445 24.97 -40.00 -26.80
N SER B 446 24.81 -40.61 -25.63
CA SER B 446 23.65 -40.42 -24.78
C SER B 446 24.12 -40.57 -23.35
N ILE B 447 23.20 -40.46 -22.39
CA ILE B 447 23.62 -40.72 -21.02
C ILE B 447 23.92 -42.20 -20.84
N LEU B 448 23.24 -43.06 -21.59
CA LEU B 448 23.55 -44.48 -21.52
C LEU B 448 24.93 -44.79 -22.07
N THR B 449 25.37 -44.06 -23.10
CA THR B 449 26.72 -44.23 -23.59
C THR B 449 27.74 -43.82 -22.54
N VAL B 450 27.46 -42.74 -21.82
CA VAL B 450 28.35 -42.35 -20.73
C VAL B 450 28.36 -43.42 -19.64
N LEU B 451 27.20 -44.02 -19.36
CA LEU B 451 27.16 -45.08 -18.36
C LEU B 451 27.96 -46.30 -18.80
N GLU B 452 27.85 -46.67 -20.08
CA GLU B 452 28.64 -47.77 -20.60
C GLU B 452 30.14 -47.46 -20.54
N LEU B 453 30.51 -46.22 -20.86
CA LEU B 453 31.92 -45.84 -20.77
C LEU B 453 32.41 -45.91 -19.34
N PHE B 454 31.59 -45.50 -18.37
CA PHE B 454 31.98 -45.62 -16.98
C PHE B 454 32.10 -47.08 -16.56
N ASP B 455 31.19 -47.93 -17.05
CA ASP B 455 31.30 -49.37 -16.83
C ASP B 455 32.63 -49.91 -17.34
N TYR B 456 32.99 -49.55 -18.58
CA TYR B 456 34.24 -50.05 -19.15
C TYR B 456 35.45 -49.53 -18.38
N ALA B 457 35.43 -48.26 -18.00
CA ALA B 457 36.56 -47.71 -17.23
C ALA B 457 36.69 -48.40 -15.88
N TYR B 458 35.56 -48.70 -15.23
CA TYR B 458 35.60 -49.47 -13.99
C TYR B 458 36.14 -50.87 -14.24
N GLU B 459 35.70 -51.52 -15.32
CA GLU B 459 36.14 -52.88 -15.59
C GLU B 459 37.61 -52.95 -15.92
N VAL B 460 38.19 -51.87 -16.44
CA VAL B 460 39.63 -51.84 -16.64
C VAL B 460 40.35 -51.76 -15.30
N ILE B 461 39.91 -50.84 -14.43
CA ILE B 461 40.63 -50.57 -13.20
C ILE B 461 40.57 -51.75 -12.24
N LYS B 462 39.52 -52.57 -12.32
CA LYS B 462 39.40 -53.75 -11.48
C LYS B 462 40.51 -54.75 -11.74
C1 NAG C . -3.65 -12.93 -10.05
C2 NAG C . -5.07 -12.40 -9.93
C3 NAG C . -6.08 -13.54 -10.07
C4 NAG C . -5.81 -14.34 -11.34
C5 NAG C . -4.36 -14.77 -11.39
C6 NAG C . -3.99 -15.44 -12.70
C7 NAG C . -5.87 -10.51 -8.56
C8 NAG C . -5.95 -9.95 -7.17
N2 NAG C . -5.26 -11.71 -8.67
O3 NAG C . -7.40 -12.99 -10.12
O4 NAG C . -6.63 -15.51 -11.36
O5 NAG C . -3.50 -13.62 -11.28
O6 NAG C . -2.58 -15.53 -12.84
O7 NAG C . -6.32 -9.93 -9.54
C1 NAG D . -30.44 31.54 -3.98
C2 NAG D . -31.36 31.09 -2.86
C3 NAG D . -31.66 32.26 -1.92
C4 NAG D . -30.37 32.92 -1.46
C5 NAG D . -29.57 33.41 -2.67
C6 NAG D . -28.16 32.90 -2.69
C7 NAG D . -32.73 29.24 -3.73
C8 NAG D . -34.09 28.85 -4.22
N2 NAG D . -32.59 30.54 -3.37
O3 NAG D . -32.33 31.73 -0.78
O4 NAG D . -30.67 34.03 -0.61
O5 NAG D . -30.20 32.96 -3.88
O6 NAG D . -27.53 32.97 -1.42
O7 NAG D . -31.79 28.45 -3.67
#